data_4F9V
#
_entry.id   4F9V
#
_cell.length_a   170.865
_cell.length_b   170.865
_cell.length_c   57.236
_cell.angle_alpha   90.00
_cell.angle_beta   90.00
_cell.angle_gamma   120.00
#
_symmetry.space_group_name_H-M   'P 65'
#
loop_
_entity.id
_entity.type
_entity.pdbx_description
1 polymer CG32412
2 branched alpha-D-mannopyranose-(1-2)-alpha-D-mannopyranose-(1-3)-[alpha-D-mannopyranose-(1-3)-alpha-D-mannopyranose-(1-6)]beta-D-mannopyranose-(1-4)-2-acetamido-2-deoxy-beta-D-glucopyranose-(1-4)-2-acetamido-2-deoxy-beta-D-glucopyranose
3 branched beta-D-mannopyranose-(1-4)-2-acetamido-2-deoxy-beta-D-glucopyranose-(1-4)-2-acetamido-2-deoxy-beta-D-glucopyranose
4 non-polymer 'ZINC ION'
5 non-polymer 1-(3,4-dimethoxyphenyl)-3-[3-(1H-imidazol-1-yl)propyl]thiourea
6 non-polymer DI(HYDROXYETHYL)ETHER
7 water water
#
_entity_poly.entity_id   1
_entity_poly.type   'polypeptide(L)'
_entity_poly.pdbx_seq_one_letter_code
;NIGSQWRDDEVHFNRTLDSILVPRVVGSRGHQQVREYLVQSLNGLGFQTEVDEFKQRVPVFGELTFANVVGTINPQAQNF
LALAAHYDSKYFPNDPGFVGATDSAVPAAILLNTAKTLGAYLQKEFRNRSDVGLMLIFFDGEEAFKEWTDADSVYGSKHL
AAKLASKRSGSQAQLAPRNIDRIEVLVLLDLIGARNPKFSSFYENTDGLHSSLVQIEKSLRTAGQLEGNNNMFLSRVSGG
LVDDDHRPFLDENVPVLHLVATPFPDVWHTPRDNAANLHWPSIRNFNRVFRNFVYQYLKRHTSPVNLRFYRT
;
_entity_poly.pdbx_strand_id   A,B
#
# COMPACT_ATOMS: atom_id res chain seq x y z
N ILE A 2 32.51 21.38 22.56
CA ILE A 2 31.82 22.70 22.39
C ILE A 2 30.49 22.43 21.61
N GLY A 3 30.27 23.03 20.44
CA GLY A 3 29.37 22.41 19.47
C GLY A 3 29.94 21.07 18.97
N SER A 4 31.19 20.81 19.32
CA SER A 4 31.99 19.74 18.73
C SER A 4 31.87 18.48 19.54
N GLN A 5 31.14 18.52 20.64
CA GLN A 5 30.95 17.30 21.42
C GLN A 5 30.24 16.23 20.59
N TRP A 6 29.22 16.66 19.84
CA TRP A 6 28.35 15.72 19.14
C TRP A 6 28.51 15.91 17.65
N ARG A 7 29.23 15.02 17.01
CA ARG A 7 29.55 15.14 15.60
C ARG A 7 28.49 14.52 14.67
N ASP A 8 28.55 14.93 13.41
CA ASP A 8 27.74 14.37 12.33
C ASP A 8 28.02 12.87 12.14
N ASP A 9 27.02 12.15 11.63
CA ASP A 9 27.22 10.82 11.08
C ASP A 9 26.34 10.75 9.82
N GLU A 10 26.85 11.33 8.74
CA GLU A 10 26.09 11.39 7.49
C GLU A 10 26.07 10.03 6.78
N VAL A 11 27.07 9.18 7.02
CA VAL A 11 27.03 7.80 6.49
C VAL A 11 25.74 7.16 7.00
N HIS A 12 25.51 7.23 8.31
CA HIS A 12 24.31 6.71 8.88
C HIS A 12 23.05 7.43 8.35
N PHE A 13 23.12 8.75 8.27
CA PHE A 13 21.97 9.52 7.83
C PHE A 13 21.56 9.07 6.44
N ASN A 14 22.53 9.07 5.53
CA ASN A 14 22.25 8.74 4.13
C ASN A 14 21.68 7.34 3.93
N ARG A 15 22.16 6.36 4.68
CA ARG A 15 21.64 5.00 4.53
C ARG A 15 20.25 4.89 5.07
N THR A 16 20.01 5.56 6.20
CA THR A 16 18.71 5.59 6.85
C THR A 16 17.69 6.25 5.95
N LEU A 17 18.04 7.39 5.37
CA LEU A 17 17.15 8.05 4.43
C LEU A 17 16.79 7.14 3.23
N ASP A 18 17.80 6.54 2.59
CA ASP A 18 17.59 5.63 1.43
CA ASP A 18 17.51 5.71 1.40
C ASP A 18 16.68 4.47 1.75
N SER A 19 16.78 3.99 2.99
CA SER A 19 15.95 2.87 3.43
C SER A 19 14.48 3.28 3.64
N ILE A 20 14.24 4.56 3.99
CA ILE A 20 12.86 5.06 4.18
C ILE A 20 12.24 5.58 2.86
N LEU A 21 13.11 6.06 1.98
CA LEU A 21 12.66 6.84 0.84
C LEU A 21 12.17 5.97 -0.32
N VAL A 22 11.01 5.36 -0.13
CA VAL A 22 10.37 4.50 -1.13
C VAL A 22 8.87 4.79 -1.03
N PRO A 23 8.11 4.53 -2.11
CA PRO A 23 6.68 4.74 -2.02
C PRO A 23 6.03 3.91 -0.93
N ARG A 24 5.22 4.54 -0.10
CA ARG A 24 4.77 3.91 1.13
C ARG A 24 3.40 4.46 1.55
N VAL A 25 2.45 4.41 0.61
CA VAL A 25 1.03 4.58 0.95
C VAL A 25 0.63 3.42 1.88
N VAL A 26 -0.16 3.69 2.91
CA VAL A 26 -0.62 2.64 3.81
C VAL A 26 -1.22 1.56 2.93
N GLY A 27 -0.85 0.30 3.23
CA GLY A 27 -1.32 -0.84 2.47
C GLY A 27 -0.38 -1.35 1.38
N SER A 28 0.61 -0.55 1.00
CA SER A 28 1.54 -0.92 -0.06
C SER A 28 2.70 -1.79 0.41
N ARG A 29 3.39 -2.41 -0.53
CA ARG A 29 4.56 -3.19 -0.21
C ARG A 29 5.62 -2.31 0.46
N GLY A 30 5.79 -1.11 -0.07
CA GLY A 30 6.77 -0.20 0.48
C GLY A 30 6.52 0.22 1.92
N HIS A 31 5.24 0.34 2.28
CA HIS A 31 4.88 0.78 3.60
C HIS A 31 5.27 -0.26 4.60
N GLN A 32 5.13 -1.53 4.22
CA GLN A 32 5.45 -2.62 5.13
C GLN A 32 6.97 -2.74 5.29
N GLN A 33 7.68 -2.45 4.22
CA GLN A 33 9.13 -2.50 4.21
C GLN A 33 9.66 -1.43 5.19
N VAL A 34 9.09 -0.24 5.15
CA VAL A 34 9.54 0.85 5.99
C VAL A 34 9.12 0.65 7.43
N ARG A 35 7.94 0.10 7.62
CA ARG A 35 7.46 -0.25 8.94
C ARG A 35 8.45 -1.18 9.64
N GLU A 36 8.77 -2.28 8.98
CA GLU A 36 9.71 -3.26 9.52
C GLU A 36 11.11 -2.63 9.72
N TYR A 37 11.54 -1.78 8.77
CA TYR A 37 12.81 -1.09 8.88
C TYR A 37 12.85 -0.19 10.13
N LEU A 38 11.76 0.51 10.40
CA LEU A 38 11.75 1.37 11.59
C LEU A 38 11.86 0.56 12.87
N VAL A 39 11.15 -0.57 12.92
CA VAL A 39 11.22 -1.45 14.09
C VAL A 39 12.65 -1.98 14.31
N GLN A 40 13.30 -2.46 13.26
CA GLN A 40 14.67 -2.97 13.35
C GLN A 40 15.61 -1.88 13.78
N SER A 41 15.47 -0.71 13.16
CA SER A 41 16.35 0.42 13.44
C SER A 41 16.26 0.90 14.89
N LEU A 42 15.05 1.10 15.37
CA LEU A 42 14.83 1.49 16.77
C LEU A 42 15.42 0.47 17.76
N ASN A 43 15.20 -0.80 17.49
CA ASN A 43 15.73 -1.88 18.33
C ASN A 43 17.25 -1.88 18.37
N GLY A 44 17.87 -1.64 17.20
CA GLY A 44 19.30 -1.62 17.07
C GLY A 44 19.91 -0.39 17.73
N LEU A 45 19.16 0.70 17.85
CA LEU A 45 19.61 1.90 18.55
C LEU A 45 19.28 1.82 20.04
N GLY A 46 18.78 0.66 20.48
CA GLY A 46 18.57 0.38 21.91
C GLY A 46 17.27 0.92 22.46
N PHE A 47 16.24 1.09 21.62
CA PHE A 47 14.93 1.51 22.13
C PHE A 47 14.08 0.30 22.45
N GLN A 48 13.20 0.43 23.42
CA GLN A 48 12.07 -0.51 23.55
C GLN A 48 11.01 -0.14 22.51
N THR A 49 10.69 -1.09 21.64
CA THR A 49 9.88 -0.80 20.47
C THR A 49 8.53 -1.47 20.58
N GLU A 50 7.47 -0.67 20.40
CA GLU A 50 6.07 -1.13 20.40
C GLU A 50 5.37 -0.61 19.14
N VAL A 51 4.52 -1.45 18.56
CA VAL A 51 3.74 -1.09 17.39
C VAL A 51 2.30 -0.91 17.87
N ASP A 52 1.69 0.23 17.56
CA ASP A 52 0.24 0.42 17.80
C ASP A 52 -0.42 0.12 16.47
N GLU A 53 -0.90 -1.12 16.32
CA GLU A 53 -1.48 -1.60 15.08
C GLU A 53 -2.99 -1.67 15.17
N PHE A 54 -3.68 -1.21 14.15
CA PHE A 54 -5.14 -1.21 14.14
C PHE A 54 -5.69 -1.17 12.73
N LYS A 55 -6.94 -1.61 12.59
CA LYS A 55 -7.64 -1.56 11.31
C LYS A 55 -8.62 -0.41 11.29
N GLN A 56 -8.70 0.29 10.17
CA GLN A 56 -9.65 1.38 10.04
C GLN A 56 -10.07 1.58 8.58
N ARG A 57 -11.35 1.94 8.42
CA ARG A 57 -11.93 2.16 7.11
C ARG A 57 -11.74 3.59 6.68
N VAL A 58 -11.20 3.79 5.47
CA VAL A 58 -10.88 5.12 5.00
C VAL A 58 -11.36 5.34 3.56
N PRO A 59 -11.41 6.60 3.12
CA PRO A 59 -11.77 6.82 1.72
C PRO A 59 -10.88 6.05 0.72
N VAL A 60 -11.51 5.66 -0.41
CA VAL A 60 -10.85 5.07 -1.58
C VAL A 60 -10.48 3.62 -1.32
N PHE A 61 -9.72 3.40 -0.24
CA PHE A 61 -9.17 2.07 0.06
C PHE A 61 -10.03 1.15 0.88
N GLY A 62 -10.99 1.68 1.65
CA GLY A 62 -11.74 0.81 2.58
C GLY A 62 -10.88 0.47 3.81
N GLU A 63 -10.90 -0.77 4.26
CA GLU A 63 -10.16 -1.15 5.44
C GLU A 63 -8.66 -1.26 5.16
N LEU A 64 -7.89 -0.50 5.92
CA LEU A 64 -6.45 -0.54 5.91
C LEU A 64 -5.96 -0.89 7.30
N THR A 65 -4.76 -1.46 7.35
CA THR A 65 -4.07 -1.72 8.61
C THR A 65 -2.98 -0.69 8.83
N PHE A 66 -3.18 0.13 9.86
CA PHE A 66 -2.25 1.15 10.27
C PHE A 66 -1.36 0.63 11.41
N ALA A 67 -0.15 1.18 11.51
CA ALA A 67 0.76 0.87 12.62
C ALA A 67 1.67 2.04 12.95
N ASN A 68 1.40 2.68 14.09
CA ASN A 68 2.33 3.64 14.67
C ASN A 68 3.50 2.87 15.25
N VAL A 69 4.72 3.42 15.11
CA VAL A 69 5.90 2.72 15.59
C VAL A 69 6.54 3.62 16.65
N VAL A 70 6.63 3.12 17.89
CA VAL A 70 7.12 3.93 19.00
C VAL A 70 8.34 3.29 19.65
N GLY A 71 9.39 4.09 19.80
CA GLY A 71 10.56 3.63 20.53
C GLY A 71 10.68 4.41 21.79
N THR A 72 11.01 3.73 22.90
CA THR A 72 11.22 4.44 24.17
C THR A 72 12.50 3.99 24.87
N ILE A 73 13.27 4.94 25.37
CA ILE A 73 14.37 4.68 26.32
C ILE A 73 13.99 5.25 27.68
N ASN A 74 14.18 4.44 28.73
CA ASN A 74 13.64 4.68 30.10
C ASN A 74 12.09 4.68 30.18
N PRO A 75 11.43 3.57 29.80
CA PRO A 75 9.95 3.44 29.74
C PRO A 75 9.20 3.66 31.10
N GLN A 76 9.94 3.49 32.20
CA GLN A 76 9.40 3.65 33.51
C GLN A 76 9.81 5.00 34.10
N ALA A 77 10.36 5.90 33.28
CA ALA A 77 10.57 7.28 33.68
C ALA A 77 9.28 8.00 34.06
N GLN A 78 9.39 9.04 34.87
CA GLN A 78 8.18 9.80 35.26
C GLN A 78 7.57 10.61 34.09
N ASN A 79 8.43 11.10 33.21
CA ASN A 79 8.05 12.02 32.18
C ASN A 79 8.93 11.78 30.94
N PHE A 80 8.51 12.33 29.80
CA PHE A 80 9.09 12.00 28.50
C PHE A 80 9.23 13.21 27.60
N LEU A 81 10.36 13.30 26.91
CA LEU A 81 10.50 14.10 25.72
C LEU A 81 10.11 13.19 24.60
N ALA A 82 9.14 13.64 23.80
CA ALA A 82 8.68 12.89 22.66
C ALA A 82 9.03 13.65 21.36
N LEU A 83 9.60 12.92 20.41
CA LEU A 83 10.00 13.44 19.10
C LEU A 83 9.26 12.62 18.05
N ALA A 84 8.71 13.27 17.04
CA ALA A 84 7.81 12.58 16.10
C ALA A 84 7.90 13.03 14.62
N ALA A 85 7.51 12.12 13.74
CA ALA A 85 7.39 12.37 12.30
C ALA A 85 6.44 11.32 11.76
N HIS A 86 5.88 11.56 10.59
CA HIS A 86 5.06 10.52 9.96
C HIS A 86 5.82 9.75 8.89
N TYR A 87 5.57 8.44 8.81
CA TYR A 87 6.29 7.59 7.88
C TYR A 87 5.50 7.13 6.68
N ASP A 88 4.17 7.29 6.67
CA ASP A 88 3.38 7.06 5.47
C ASP A 88 3.69 8.12 4.43
N SER A 89 3.43 7.77 3.17
CA SER A 89 3.47 8.75 2.10
C SER A 89 2.08 8.92 1.50
N LYS A 90 1.87 10.11 0.94
CA LYS A 90 0.59 10.46 0.31
C LYS A 90 0.24 9.69 -1.00
N TYR A 91 -1.00 9.26 -1.06
CA TYR A 91 -1.56 8.60 -2.23
C TYR A 91 -1.91 9.65 -3.27
N PHE A 92 -1.41 9.44 -4.50
CA PHE A 92 -1.74 10.28 -5.65
C PHE A 92 -2.05 9.33 -6.77
N PRO A 93 -3.32 9.25 -7.21
CA PRO A 93 -3.69 8.40 -8.37
C PRO A 93 -2.68 8.49 -9.52
N ASN A 94 -2.24 9.71 -9.84
CA ASN A 94 -1.37 9.95 -11.00
C ASN A 94 0.12 10.05 -10.65
N ASP A 95 0.49 9.61 -9.44
CA ASP A 95 1.89 9.65 -8.98
C ASP A 95 2.17 8.54 -7.97
N PRO A 96 2.04 7.28 -8.40
CA PRO A 96 2.34 6.15 -7.52
C PRO A 96 3.82 6.15 -7.06
N GLY A 97 4.67 6.82 -7.81
CA GLY A 97 6.12 6.89 -7.48
C GLY A 97 6.49 7.94 -6.43
N PHE A 98 5.50 8.67 -5.91
CA PHE A 98 5.72 9.75 -4.94
C PHE A 98 6.41 9.19 -3.71
N VAL A 99 7.53 9.80 -3.28
CA VAL A 99 8.26 9.33 -2.11
C VAL A 99 8.25 10.30 -0.95
N GLY A 100 7.68 11.49 -1.14
CA GLY A 100 7.63 12.46 -0.04
C GLY A 100 8.97 12.58 0.71
N ALA A 101 9.99 13.00 -0.01
CA ALA A 101 11.33 13.16 0.57
C ALA A 101 11.32 14.11 1.80
N THR A 102 10.69 15.27 1.69
CA THR A 102 10.58 16.19 2.80
C THR A 102 9.43 15.83 3.74
N ASP A 103 8.54 14.96 3.28
CA ASP A 103 7.20 14.78 3.80
C ASP A 103 6.88 13.29 3.93
N SER A 104 7.50 12.57 4.86
CA SER A 104 8.45 13.09 5.84
C SER A 104 9.63 12.11 6.02
N ALA A 105 10.19 11.66 4.90
CA ALA A 105 11.30 10.70 4.89
C ALA A 105 12.48 11.29 5.64
N VAL A 106 12.80 12.56 5.34
CA VAL A 106 13.93 13.26 5.98
C VAL A 106 13.63 13.52 7.48
N PRO A 107 12.46 14.08 7.81
CA PRO A 107 12.17 14.14 9.24
C PRO A 107 12.34 12.82 10.01
N ALA A 108 11.82 11.72 9.45
CA ALA A 108 11.95 10.38 10.05
C ALA A 108 13.44 9.94 10.18
N ALA A 109 14.23 10.16 9.13
CA ALA A 109 15.65 9.83 9.15
C ALA A 109 16.42 10.68 10.15
N ILE A 110 16.07 11.96 10.27
CA ILE A 110 16.65 12.83 11.30
C ILE A 110 16.45 12.29 12.74
N LEU A 111 15.26 11.77 13.02
CA LEU A 111 14.97 11.22 14.36
C LEU A 111 15.89 10.05 14.67
N LEU A 112 15.98 9.07 13.76
CA LEU A 112 16.86 7.93 13.95
C LEU A 112 18.32 8.34 14.00
N ASN A 113 18.73 9.26 13.12
CA ASN A 113 20.09 9.78 13.13
C ASN A 113 20.46 10.56 14.40
N THR A 114 19.50 11.22 15.00
CA THR A 114 19.71 11.95 16.24
C THR A 114 19.99 10.94 17.36
N ALA A 115 19.24 9.85 17.38
CA ALA A 115 19.51 8.81 18.35
C ALA A 115 20.90 8.19 18.15
N LYS A 116 21.33 8.10 16.90
CA LYS A 116 22.62 7.54 16.55
C LYS A 116 23.76 8.45 16.99
N THR A 117 23.74 9.71 16.59
CA THR A 117 24.82 10.65 16.93
C THR A 117 24.93 10.98 18.41
N LEU A 118 23.83 10.85 19.14
CA LEU A 118 23.84 11.02 20.57
C LEU A 118 23.97 9.65 21.27
N GLY A 119 24.32 8.61 20.53
CA GLY A 119 24.38 7.24 21.08
C GLY A 119 25.25 7.11 22.32
N ALA A 120 26.38 7.82 22.37
CA ALA A 120 27.29 7.67 23.51
C ALA A 120 26.64 8.16 24.82
N TYR A 121 25.70 9.09 24.72
CA TYR A 121 24.92 9.54 25.86
C TYR A 121 23.77 8.62 26.16
N LEU A 122 22.99 8.31 25.13
CA LEU A 122 21.78 7.51 25.28
C LEU A 122 22.04 6.03 25.66
N GLN A 123 23.17 5.47 25.28
CA GLN A 123 23.51 4.09 25.63
C GLN A 123 23.78 3.87 27.12
N LYS A 124 24.37 4.86 27.81
CA LYS A 124 24.71 4.69 29.23
C LYS A 124 24.20 5.77 30.18
N GLU A 125 24.85 6.94 30.20
CA GLU A 125 24.50 7.94 31.22
C GLU A 125 23.02 8.27 31.26
N PHE A 126 22.41 8.44 30.09
CA PHE A 126 20.97 8.75 30.02
C PHE A 126 20.05 7.69 30.63
N ARG A 127 20.50 6.44 30.64
CA ARG A 127 19.75 5.34 31.25
C ARG A 127 19.77 5.33 32.79
N ASN A 128 20.71 6.09 33.38
CA ASN A 128 20.94 6.07 34.80
C ASN A 128 20.11 7.08 35.52
N ARG A 129 18.80 6.95 35.36
CA ARG A 129 17.89 7.94 35.93
C ARG A 129 16.49 7.44 35.76
N SER A 130 15.55 8.09 36.41
CA SER A 130 14.17 7.77 36.24
C SER A 130 13.28 9.02 36.14
N ASP A 131 13.87 10.20 36.04
CA ASP A 131 13.08 11.42 35.89
C ASP A 131 12.52 11.57 34.46
N VAL A 132 13.34 11.34 33.45
CA VAL A 132 12.90 11.59 32.07
C VAL A 132 13.32 10.46 31.14
N GLY A 133 12.46 10.16 30.16
CA GLY A 133 12.75 9.20 29.13
C GLY A 133 12.69 9.85 27.77
N LEU A 134 13.02 9.12 26.72
CA LEU A 134 12.96 9.61 25.34
C LEU A 134 12.06 8.73 24.51
N MET A 135 11.02 9.33 23.92
CA MET A 135 10.13 8.63 23.00
C MET A 135 10.33 9.13 21.59
N LEU A 136 10.46 8.20 20.65
CA LEU A 136 10.52 8.50 19.22
C LEU A 136 9.25 7.90 18.63
N ILE A 137 8.38 8.74 18.04
CA ILE A 137 7.08 8.27 17.54
C ILE A 137 7.07 8.39 16.06
N PHE A 138 6.88 7.26 15.35
CA PHE A 138 6.64 7.32 13.94
C PHE A 138 5.14 7.11 13.69
N PHE A 139 4.43 8.21 13.51
CA PHE A 139 3.00 8.17 13.13
C PHE A 139 2.76 7.57 11.78
N ASP A 140 1.72 6.74 11.72
CA ASP A 140 1.20 6.23 10.47
C ASP A 140 -0.05 7.05 10.08
N GLY A 141 -0.36 7.04 8.78
CA GLY A 141 -1.56 7.63 8.23
C GLY A 141 -1.81 9.10 8.50
N GLU A 142 -0.76 9.89 8.50
CA GLU A 142 -0.90 11.31 8.65
C GLU A 142 -1.69 11.90 7.47
N GLU A 143 -1.42 11.36 6.28
CA GLU A 143 -1.89 11.97 5.05
C GLU A 143 -3.29 11.55 4.77
N ALA A 144 -4.06 12.51 4.30
CA ALA A 144 -5.40 12.26 3.77
C ALA A 144 -5.40 11.28 2.61
N PHE A 145 -6.45 10.48 2.50
CA PHE A 145 -6.63 9.58 1.36
C PHE A 145 -7.42 10.19 0.19
N LYS A 146 -8.36 11.09 0.49
CA LYS A 146 -9.14 11.76 -0.57
C LYS A 146 -8.87 13.24 -0.58
N GLU A 147 -9.19 13.91 0.51
CA GLU A 147 -8.94 15.32 0.65
C GLU A 147 -8.81 15.58 2.15
N TRP A 148 -7.84 16.42 2.48
CA TRP A 148 -7.58 16.73 3.86
C TRP A 148 -8.75 17.42 4.56
N THR A 149 -9.26 16.76 5.58
CA THR A 149 -10.27 17.34 6.47
C THR A 149 -10.02 16.86 7.89
N ASP A 150 -10.89 17.27 8.80
CA ASP A 150 -10.77 16.83 10.19
C ASP A 150 -10.79 15.32 10.32
N ALA A 151 -11.69 14.68 9.59
CA ALA A 151 -11.83 13.22 9.61
C ALA A 151 -10.78 12.51 8.78
N ASP A 152 -10.47 13.05 7.60
CA ASP A 152 -9.58 12.38 6.62
C ASP A 152 -8.19 12.98 6.76
N SER A 153 -7.50 12.49 7.79
CA SER A 153 -6.19 12.98 8.20
C SER A 153 -5.78 12.32 9.52
N VAL A 154 -4.48 12.32 9.78
CA VAL A 154 -3.85 12.03 11.07
C VAL A 154 -4.44 10.82 11.80
N TYR A 155 -4.66 9.76 11.03
CA TYR A 155 -5.32 8.56 11.52
C TYR A 155 -4.58 7.82 12.62
N GLY A 156 -3.29 7.63 12.42
CA GLY A 156 -2.47 6.95 13.42
C GLY A 156 -2.33 7.73 14.69
N SER A 157 -2.16 9.03 14.57
CA SER A 157 -2.07 9.93 15.72
C SER A 157 -3.38 9.99 16.54
N LYS A 158 -4.53 10.03 15.87
CA LYS A 158 -5.81 10.00 16.59
C LYS A 158 -5.80 8.77 17.45
N HIS A 159 -5.37 7.65 16.87
CA HIS A 159 -5.41 6.37 17.56
C HIS A 159 -4.39 6.25 18.72
N LEU A 160 -3.19 6.78 18.52
CA LEU A 160 -2.16 6.74 19.55
C LEU A 160 -2.52 7.66 20.70
N ALA A 161 -3.06 8.84 20.36
CA ALA A 161 -3.48 9.80 21.36
C ALA A 161 -4.59 9.23 22.25
N ALA A 162 -5.61 8.61 21.64
CA ALA A 162 -6.66 7.92 22.39
C ALA A 162 -6.08 6.81 23.27
N LYS A 163 -5.19 5.99 22.73
CA LYS A 163 -4.60 4.89 23.51
C LYS A 163 -3.84 5.40 24.75
N LEU A 164 -3.00 6.41 24.56
CA LEU A 164 -2.24 7.00 25.65
C LEU A 164 -3.11 7.78 26.66
N ALA A 165 -4.30 8.20 26.24
CA ALA A 165 -5.16 9.02 27.06
C ALA A 165 -5.98 8.17 28.05
N SER A 166 -6.29 6.93 27.68
CA SER A 166 -7.18 6.07 28.48
C SER A 166 -6.48 5.49 29.72
N LYS A 167 -7.22 5.46 30.84
CA LYS A 167 -6.69 5.07 32.14
C LYS A 167 -6.93 3.58 32.40
N ARG A 168 -6.29 3.05 33.44
CA ARG A 168 -6.65 1.73 34.00
C ARG A 168 -7.56 1.89 35.24
N SER A 169 -8.13 0.78 35.71
CA SER A 169 -9.03 0.80 36.89
C SER A 169 -8.27 1.04 38.20
N GLY A 170 -9.01 1.48 39.24
CA GLY A 170 -8.50 1.52 40.62
C GLY A 170 -8.01 2.88 41.13
N SER A 171 -8.02 3.05 42.44
CA SER A 171 -7.59 4.28 43.11
C SER A 171 -6.25 4.76 42.58
N GLN A 172 -5.26 3.88 42.67
CA GLN A 172 -3.87 4.20 42.25
C GLN A 172 -3.82 4.73 40.80
N ALA A 173 -4.59 4.11 39.91
CA ALA A 173 -4.66 4.56 38.52
C ALA A 173 -5.43 5.88 38.43
N GLN A 174 -6.60 5.94 39.10
CA GLN A 174 -7.45 7.13 39.04
C GLN A 174 -6.82 8.38 39.67
N LEU A 175 -5.89 8.18 40.61
CA LEU A 175 -5.09 9.30 41.17
C LEU A 175 -3.79 9.56 40.38
N ALA A 176 -3.30 8.53 39.66
CA ALA A 176 -2.13 8.64 38.79
C ALA A 176 -2.42 9.37 37.48
N PRO A 177 -1.38 9.94 36.88
CA PRO A 177 -1.60 10.63 35.60
C PRO A 177 -1.97 9.68 34.47
N ARG A 178 -2.67 10.20 33.47
CA ARG A 178 -2.81 9.51 32.18
C ARG A 178 -1.41 9.36 31.60
N ASN A 179 -1.14 8.27 30.89
CA ASN A 179 0.17 8.10 30.21
C ASN A 179 0.49 9.32 29.34
N ILE A 180 -0.50 9.79 28.58
CA ILE A 180 -0.33 10.96 27.69
C ILE A 180 0.09 12.24 28.43
N ASP A 181 -0.27 12.35 29.70
CA ASP A 181 0.10 13.52 30.49
C ASP A 181 1.55 13.50 30.95
N ARG A 182 2.21 12.34 30.81
CA ARG A 182 3.64 12.25 31.12
C ARG A 182 4.55 12.71 29.97
N ILE A 183 3.97 13.02 28.82
CA ILE A 183 4.74 13.68 27.77
C ILE A 183 4.87 15.14 28.11
N GLU A 184 6.09 15.62 28.26
CA GLU A 184 6.27 17.01 28.60
C GLU A 184 6.07 17.93 27.37
N VAL A 185 6.43 17.44 26.18
CA VAL A 185 6.26 18.18 24.92
C VAL A 185 6.39 17.17 23.77
N LEU A 186 5.50 17.29 22.78
CA LEU A 186 5.64 16.56 21.55
C LEU A 186 6.31 17.50 20.58
N VAL A 187 7.51 17.13 20.11
CA VAL A 187 8.27 17.88 19.10
C VAL A 187 8.08 17.12 17.79
N LEU A 188 7.28 17.71 16.90
CA LEU A 188 6.89 17.11 15.64
C LEU A 188 7.61 17.80 14.50
N LEU A 189 8.31 16.97 13.71
CA LEU A 189 9.11 17.39 12.58
C LEU A 189 8.35 17.04 11.34
N ASP A 190 8.27 18.02 10.43
CA ASP A 190 7.57 17.83 9.17
C ASP A 190 8.11 18.80 8.14
N LEU A 191 8.18 18.34 6.90
CA LEU A 191 8.54 19.19 5.76
C LEU A 191 9.95 19.76 5.91
N ILE A 192 10.91 18.86 6.09
CA ILE A 192 12.31 19.23 6.31
C ILE A 192 13.08 18.55 5.20
N GLY A 193 14.04 19.27 4.62
CA GLY A 193 14.83 18.73 3.49
C GLY A 193 15.14 19.72 2.39
N ALA A 194 14.31 20.76 2.28
CA ALA A 194 14.46 21.76 1.22
C ALA A 194 15.48 22.80 1.64
N ARG A 195 15.91 23.60 0.66
CA ARG A 195 16.89 24.62 0.86
C ARG A 195 16.31 25.75 1.68
N ASN A 196 17.08 26.17 2.68
CA ASN A 196 16.82 27.39 3.44
C ASN A 196 15.44 27.43 4.10
N PRO A 197 15.11 26.39 4.90
CA PRO A 197 13.82 26.34 5.60
C PRO A 197 13.74 27.38 6.69
N LYS A 198 12.51 27.79 7.02
CA LYS A 198 12.29 28.75 8.09
C LYS A 198 11.32 28.14 9.11
N PHE A 199 11.75 28.11 10.36
CA PHE A 199 10.94 27.55 11.44
C PHE A 199 10.59 28.67 12.40
N SER A 200 9.30 28.91 12.57
CA SER A 200 8.87 29.93 13.50
C SER A 200 7.95 29.26 14.56
N SER A 201 7.79 29.95 15.68
CA SER A 201 7.11 29.41 16.87
C SER A 201 5.61 29.49 16.72
N PHE A 202 4.95 28.34 16.80
CA PHE A 202 3.50 28.27 16.64
C PHE A 202 2.66 28.38 17.95
N TYR A 203 3.30 28.23 19.11
CA TYR A 203 2.57 28.14 20.40
C TYR A 203 3.33 28.85 21.49
N GLU A 204 2.63 29.69 22.25
CA GLU A 204 3.27 30.47 23.34
C GLU A 204 3.93 29.58 24.39
N ASN A 205 3.27 28.50 24.73
CA ASN A 205 3.77 27.67 25.84
C ASN A 205 5.09 26.91 25.53
N THR A 206 5.40 26.74 24.24
CA THR A 206 6.64 26.09 23.84
C THR A 206 7.61 27.07 23.23
N ASP A 207 7.30 28.36 23.38
CA ASP A 207 8.16 29.40 22.81
C ASP A 207 9.57 29.44 23.40
N GLY A 208 9.71 29.09 24.68
CA GLY A 208 11.04 29.02 25.30
C GLY A 208 11.86 27.88 24.66
N LEU A 209 11.21 26.78 24.30
CA LEU A 209 11.93 25.69 23.61
C LEU A 209 12.40 26.20 22.23
N HIS A 210 11.50 26.87 21.52
CA HIS A 210 11.84 27.49 20.24
C HIS A 210 13.02 28.44 20.39
N SER A 211 12.97 29.31 21.39
CA SER A 211 14.09 30.20 21.69
C SER A 211 15.40 29.45 21.89
N SER A 212 15.34 28.29 22.53
CA SER A 212 16.56 27.46 22.65
C SER A 212 17.13 27.04 21.31
N LEU A 213 16.27 26.66 20.37
CA LEU A 213 16.75 26.34 19.01
C LEU A 213 17.42 27.56 18.37
N VAL A 214 16.78 28.72 18.48
CA VAL A 214 17.34 29.98 18.01
C VAL A 214 18.73 30.20 18.57
N GLN A 215 18.87 30.02 19.89
CA GLN A 215 20.15 30.16 20.54
C GLN A 215 21.22 29.16 20.12
N ILE A 216 20.87 27.89 20.01
CA ILE A 216 21.85 26.88 19.57
C ILE A 216 22.35 27.21 18.15
N GLU A 217 21.43 27.58 17.27
CA GLU A 217 21.82 28.01 15.92
C GLU A 217 22.84 29.18 15.95
N LYS A 218 22.57 30.23 16.74
CA LYS A 218 23.50 31.36 16.87
C LYS A 218 24.85 30.91 17.38
N SER A 219 24.85 30.06 18.41
CA SER A 219 26.12 29.55 18.96
C SER A 219 26.92 28.75 17.96
N LEU A 220 26.27 27.85 17.23
CA LEU A 220 27.00 27.03 16.27
C LEU A 220 27.48 27.87 15.10
N ARG A 221 26.67 28.83 14.66
CA ARG A 221 27.08 29.73 13.60
C ARG A 221 28.35 30.50 13.98
N THR A 222 28.34 31.11 15.16
CA THR A 222 29.48 31.89 15.66
C THR A 222 30.74 31.06 15.83
N ALA A 223 30.60 29.78 16.18
CA ALA A 223 31.71 28.83 16.21
C ALA A 223 32.15 28.32 14.81
N GLY A 224 31.54 28.80 13.74
CA GLY A 224 31.91 28.33 12.40
C GLY A 224 31.47 26.91 12.08
N GLN A 225 30.45 26.38 12.76
CA GLN A 225 30.03 24.98 12.60
C GLN A 225 28.81 24.72 11.70
N LEU A 226 28.25 25.80 11.14
CA LEU A 226 27.14 25.68 10.22
C LEU A 226 27.62 26.02 8.79
N GLU A 227 26.86 25.55 7.82
CA GLU A 227 27.09 25.85 6.43
C GLU A 227 26.23 27.02 5.99
N GLY A 228 26.84 27.98 5.30
CA GLY A 228 26.14 29.16 4.81
C GLY A 228 25.70 30.08 5.92
N ASN A 229 24.92 31.09 5.55
CA ASN A 229 24.56 32.19 6.45
C ASN A 229 23.06 32.43 6.64
N ASN A 230 22.26 31.49 6.18
CA ASN A 230 20.82 31.60 6.27
C ASN A 230 20.37 31.26 7.70
N ASN A 231 19.45 32.06 8.24
CA ASN A 231 18.86 31.74 9.54
C ASN A 231 17.68 30.80 9.38
N MET A 232 17.77 29.66 10.04
CA MET A 232 16.74 28.63 9.97
C MET A 232 15.67 28.75 11.08
N PHE A 233 16.11 29.08 12.29
CA PHE A 233 15.16 29.24 13.40
C PHE A 233 14.88 30.71 13.69
N LEU A 234 13.66 31.14 13.40
CA LEU A 234 13.30 32.56 13.54
C LEU A 234 12.75 32.83 14.94
N SER A 235 13.11 33.97 15.52
CA SER A 235 12.44 34.47 16.73
C SER A 235 11.29 35.34 16.28
N ARG A 236 10.26 34.67 15.80
CA ARG A 236 9.09 35.31 15.23
C ARG A 236 7.98 34.34 15.51
N VAL A 237 6.77 34.86 15.66
CA VAL A 237 5.61 33.99 15.72
C VAL A 237 5.28 33.59 14.30
N SER A 238 4.59 32.46 14.20
CA SER A 238 4.20 31.94 12.94
C SER A 238 3.08 32.78 12.31
N GLY A 239 2.92 32.62 11.01
CA GLY A 239 1.68 33.02 10.37
C GLY A 239 0.63 32.11 10.98
N GLY A 240 -0.33 31.69 10.18
CA GLY A 240 -1.35 30.81 10.68
C GLY A 240 -0.80 29.45 11.05
N LEU A 241 -1.65 28.72 11.77
CA LEU A 241 -1.32 27.43 12.27
C LEU A 241 -1.37 26.43 11.12
N VAL A 242 -0.66 25.33 11.28
CA VAL A 242 -0.62 24.30 10.26
C VAL A 242 -1.18 23.02 10.87
N ASP A 243 -2.22 22.49 10.26
CA ASP A 243 -2.79 21.23 10.75
C ASP A 243 -1.82 20.05 10.48
N ASP A 244 -1.77 19.10 11.42
CA ASP A 244 -0.77 18.03 11.40
C ASP A 244 -1.06 16.99 12.52
N ASP A 245 -0.17 16.01 12.64
CA ASP A 245 -0.23 14.92 13.63
C ASP A 245 -0.27 15.34 15.09
N HIS A 246 0.10 16.57 15.40
CA HIS A 246 0.07 17.06 16.77
C HIS A 246 -1.35 17.38 17.29
N ARG A 247 -2.32 17.52 16.37
CA ARG A 247 -3.66 18.01 16.70
C ARG A 247 -4.32 17.09 17.75
N PRO A 248 -4.29 15.77 17.53
CA PRO A 248 -4.94 14.92 18.53
C PRO A 248 -4.26 14.94 19.90
N PHE A 249 -2.98 15.30 19.92
CA PHE A 249 -2.24 15.48 21.15
C PHE A 249 -2.51 16.82 21.79
N LEU A 250 -2.49 17.88 20.99
CA LEU A 250 -2.88 19.21 21.46
C LEU A 250 -4.28 19.18 22.10
N ASP A 251 -5.18 18.39 21.54
CA ASP A 251 -6.55 18.30 22.01
C ASP A 251 -6.66 17.57 23.37
N GLU A 252 -5.61 16.87 23.78
CA GLU A 252 -5.55 16.21 25.09
C GLU A 252 -4.57 16.96 25.96
N ASN A 253 -4.37 18.24 25.64
CA ASN A 253 -3.62 19.16 26.45
C ASN A 253 -2.09 19.01 26.42
N VAL A 254 -1.55 18.22 25.48
CA VAL A 254 -0.08 18.03 25.36
C VAL A 254 0.55 19.23 24.68
N PRO A 255 1.61 19.79 25.28
CA PRO A 255 2.28 20.89 24.62
C PRO A 255 3.02 20.44 23.34
N VAL A 256 3.06 21.33 22.33
CA VAL A 256 3.59 21.01 21.00
C VAL A 256 4.63 22.04 20.54
N LEU A 257 5.81 21.56 20.12
CA LEU A 257 6.77 22.35 19.35
C LEU A 257 6.68 21.82 17.91
N HIS A 258 6.14 22.66 17.02
CA HIS A 258 5.81 22.20 15.66
C HIS A 258 6.89 22.66 14.70
N LEU A 259 7.89 21.79 14.46
CA LEU A 259 8.99 22.10 13.57
C LEU A 259 8.61 21.69 12.15
N VAL A 260 7.71 22.49 11.57
CA VAL A 260 7.30 22.38 10.17
C VAL A 260 7.77 23.68 9.49
N ALA A 261 8.40 23.56 8.32
CA ALA A 261 8.96 24.75 7.64
C ALA A 261 7.79 25.54 7.04
N THR A 262 7.84 26.86 7.16
CA THR A 262 6.85 27.72 6.52
C THR A 262 7.61 28.90 5.96
N PRO A 263 7.49 29.15 4.63
CA PRO A 263 6.72 28.40 3.65
C PRO A 263 7.12 26.93 3.53
N PHE A 264 6.15 26.14 3.06
CA PHE A 264 6.36 24.78 2.75
C PHE A 264 7.38 24.71 1.62
N PRO A 265 8.09 23.59 1.54
CA PRO A 265 8.97 23.38 0.41
C PRO A 265 8.22 23.61 -0.91
N ASP A 266 8.92 24.25 -1.84
CA ASP A 266 8.47 24.40 -3.23
C ASP A 266 7.83 23.15 -3.76
N VAL A 267 8.45 22.00 -3.49
CA VAL A 267 8.00 20.73 -4.07
C VAL A 267 6.82 20.03 -3.39
N TRP A 268 6.29 20.64 -2.31
CA TRP A 268 5.25 19.99 -1.49
C TRP A 268 4.15 19.40 -2.36
N HIS A 269 3.85 18.12 -2.11
CA HIS A 269 2.75 17.40 -2.76
C HIS A 269 2.78 17.46 -4.29
N THR A 270 3.99 17.40 -4.83
CA THR A 270 4.22 17.26 -6.25
C THR A 270 5.20 16.10 -6.48
N PRO A 271 5.23 15.55 -7.71
CA PRO A 271 6.22 14.52 -8.03
C PRO A 271 7.69 14.89 -7.80
N ARG A 272 7.98 16.17 -7.63
CA ARG A 272 9.35 16.60 -7.40
C ARG A 272 9.81 16.57 -5.94
N ASP A 273 8.96 16.10 -5.01
CA ASP A 273 9.43 15.92 -3.61
C ASP A 273 10.25 14.64 -3.52
N ASN A 274 11.47 14.72 -4.05
CA ASN A 274 12.34 13.56 -4.19
C ASN A 274 13.74 13.89 -3.69
N ALA A 275 14.67 12.93 -3.77
CA ALA A 275 16.07 13.15 -3.33
C ALA A 275 16.80 14.22 -4.11
N ALA A 276 16.52 14.31 -5.42
CA ALA A 276 17.12 15.31 -6.29
C ALA A 276 16.88 16.74 -5.83
N ASN A 277 15.78 16.99 -5.13
CA ASN A 277 15.44 18.35 -4.71
C ASN A 277 15.73 18.67 -3.24
N LEU A 278 16.37 17.74 -2.54
CA LEU A 278 16.80 17.99 -1.18
C LEU A 278 18.04 18.87 -1.16
N HIS A 279 18.22 19.57 -0.06
CA HIS A 279 19.39 20.42 0.12
C HIS A 279 20.17 19.97 1.34
N TRP A 280 21.25 19.23 1.08
CA TRP A 280 22.03 18.56 2.14
C TRP A 280 22.64 19.53 3.18
N PRO A 281 23.06 20.73 2.76
CA PRO A 281 23.60 21.67 3.78
C PRO A 281 22.52 22.11 4.79
N SER A 282 21.31 22.37 4.30
CA SER A 282 20.17 22.65 5.17
C SER A 282 19.84 21.45 6.06
N ILE A 283 19.85 20.22 5.54
CA ILE A 283 19.66 19.02 6.34
C ILE A 283 20.72 18.94 7.45
N ARG A 284 22.01 19.06 7.07
CA ARG A 284 23.08 19.00 8.04
C ARG A 284 22.96 20.12 9.07
N ASN A 285 22.58 21.32 8.65
CA ASN A 285 22.42 22.41 9.61
C ASN A 285 21.32 22.14 10.60
N PHE A 286 20.17 21.68 10.11
CA PHE A 286 19.09 21.32 11.00
C PHE A 286 19.50 20.24 12.00
N ASN A 287 20.15 19.20 11.50
CA ASN A 287 20.63 18.08 12.34
C ASN A 287 21.52 18.48 13.46
N ARG A 288 22.45 19.39 13.17
CA ARG A 288 23.36 19.86 14.19
C ARG A 288 22.63 20.64 15.28
N VAL A 289 21.72 21.52 14.89
CA VAL A 289 20.99 22.31 15.86
C VAL A 289 20.10 21.38 16.70
N PHE A 290 19.38 20.48 16.04
CA PHE A 290 18.44 19.62 16.66
C PHE A 290 19.06 18.58 17.62
N ARG A 291 20.15 17.94 17.22
CA ARG A 291 20.79 16.95 18.10
C ARG A 291 21.26 17.60 19.41
N ASN A 292 21.80 18.82 19.30
CA ASN A 292 22.18 19.59 20.48
C ASN A 292 21.00 20.03 21.36
N PHE A 293 19.91 20.47 20.73
CA PHE A 293 18.67 20.75 21.44
C PHE A 293 18.23 19.54 22.28
N VAL A 294 18.12 18.38 21.66
CA VAL A 294 17.68 17.15 22.34
C VAL A 294 18.61 16.77 23.50
N TYR A 295 19.91 16.79 23.21
CA TYR A 295 20.90 16.54 24.22
C TYR A 295 20.72 17.51 25.40
N GLN A 296 20.69 18.81 25.13
CA GLN A 296 20.57 19.76 26.22
C GLN A 296 19.28 19.60 27.01
N TYR A 297 18.16 19.39 26.35
CA TYR A 297 16.90 19.20 27.03
C TYR A 297 16.98 18.05 28.04
N LEU A 298 17.53 16.92 27.60
CA LEU A 298 17.64 15.73 28.42
C LEU A 298 18.69 15.88 29.53
N LYS A 299 19.85 16.43 29.19
CA LYS A 299 20.90 16.65 30.16
C LYS A 299 20.54 17.67 31.26
N ARG A 300 19.81 18.72 30.90
CA ARG A 300 19.40 19.74 31.88
C ARG A 300 18.16 19.36 32.67
N HIS A 301 17.44 18.33 32.24
CA HIS A 301 16.24 17.91 32.94
C HIS A 301 16.56 17.42 34.38
N THR A 302 15.77 17.93 35.34
CA THR A 302 15.82 17.52 36.75
C THR A 302 14.39 17.32 37.17
N SER A 303 13.67 18.38 37.45
CA SER A 303 12.27 18.22 37.86
C SER A 303 11.35 18.15 36.63
N PRO A 304 10.11 17.66 36.80
CA PRO A 304 9.21 17.63 35.65
C PRO A 304 9.10 19.00 34.94
N VAL A 305 9.16 18.99 33.60
CA VAL A 305 8.89 20.20 32.82
C VAL A 305 7.38 20.32 32.63
N ASN A 306 6.83 21.45 33.08
CA ASN A 306 5.40 21.68 32.96
C ASN A 306 5.14 22.88 32.09
N LEU A 307 4.62 22.65 30.88
CA LEU A 307 4.27 23.75 29.98
C LEU A 307 2.77 23.78 29.67
N ARG A 308 1.96 23.02 30.42
CA ARG A 308 0.51 22.92 30.17
C ARG A 308 -0.31 24.14 30.66
N GLN B 5 8.38 -21.69 -27.71
CA GLN B 5 7.45 -22.63 -28.42
C GLN B 5 6.13 -21.96 -28.79
N TRP B 6 5.58 -21.16 -27.87
CA TRP B 6 4.25 -20.55 -28.10
C TRP B 6 4.42 -19.14 -28.62
N ARG B 7 3.74 -18.86 -29.73
CA ARG B 7 3.82 -17.56 -30.39
C ARG B 7 2.66 -16.66 -29.95
N ASP B 8 2.92 -15.35 -30.01
CA ASP B 8 1.90 -14.34 -29.84
C ASP B 8 0.82 -14.48 -30.91
N ASP B 9 -0.35 -13.91 -30.64
CA ASP B 9 -1.41 -13.80 -31.63
C ASP B 9 -2.21 -12.53 -31.33
N GLU B 10 -1.57 -11.42 -31.62
CA GLU B 10 -2.13 -10.12 -31.34
C GLU B 10 -3.33 -9.78 -32.23
N VAL B 11 -3.45 -10.41 -33.38
CA VAL B 11 -4.62 -10.23 -34.24
C VAL B 11 -5.84 -10.68 -33.44
N HIS B 12 -5.78 -11.90 -32.91
CA HIS B 12 -6.84 -12.43 -32.04
C HIS B 12 -7.08 -11.56 -30.80
N PHE B 13 -6.01 -11.20 -30.11
CA PHE B 13 -6.14 -10.37 -28.93
C PHE B 13 -6.89 -9.08 -29.21
N ASN B 14 -6.39 -8.34 -30.19
CA ASN B 14 -6.96 -7.06 -30.54
C ASN B 14 -8.41 -7.18 -30.94
N ARG B 15 -8.74 -8.24 -31.66
CA ARG B 15 -10.09 -8.45 -32.11
C ARG B 15 -10.99 -8.80 -30.93
N THR B 16 -10.47 -9.62 -30.03
CA THR B 16 -11.20 -10.04 -28.84
C THR B 16 -11.48 -8.83 -27.95
N LEU B 17 -10.48 -8.00 -27.77
CA LEU B 17 -10.62 -6.80 -26.97
C LEU B 17 -11.68 -5.86 -27.53
N ASP B 18 -11.65 -5.64 -28.84
CA ASP B 18 -12.62 -4.77 -29.53
C ASP B 18 -14.06 -5.20 -29.25
N SER B 19 -14.34 -6.48 -29.30
CA SER B 19 -15.66 -7.01 -28.96
C SER B 19 -16.06 -6.87 -27.50
N ILE B 20 -15.10 -6.90 -26.58
CA ILE B 20 -15.42 -6.80 -25.15
C ILE B 20 -15.50 -5.35 -24.71
N LEU B 21 -14.71 -4.50 -25.32
CA LEU B 21 -14.51 -3.14 -24.80
C LEU B 21 -15.63 -2.15 -25.17
N VAL B 22 -16.82 -2.37 -24.63
CA VAL B 22 -17.92 -1.42 -24.75
C VAL B 22 -18.58 -1.28 -23.39
N PRO B 23 -19.37 -0.22 -23.17
CA PRO B 23 -20.03 -0.13 -21.89
C PRO B 23 -20.94 -1.34 -21.64
N ARG B 24 -20.85 -1.91 -20.43
CA ARG B 24 -21.50 -3.19 -20.16
C ARG B 24 -21.91 -3.32 -18.70
N VAL B 25 -22.55 -2.27 -18.18
CA VAL B 25 -23.25 -2.36 -16.89
C VAL B 25 -24.27 -3.50 -16.99
N VAL B 26 -24.43 -4.27 -15.92
CA VAL B 26 -25.38 -5.37 -15.91
C VAL B 26 -26.75 -4.76 -16.24
N GLY B 27 -27.49 -5.40 -17.16
CA GLY B 27 -28.81 -4.89 -17.61
C GLY B 27 -28.74 -4.00 -18.86
N SER B 28 -27.52 -3.70 -19.31
CA SER B 28 -27.34 -2.83 -20.47
C SER B 28 -27.32 -3.66 -21.74
N ARG B 29 -27.50 -2.94 -22.86
CA ARG B 29 -27.40 -3.51 -24.20
C ARG B 29 -26.01 -4.11 -24.42
N GLY B 30 -24.98 -3.35 -24.06
CA GLY B 30 -23.60 -3.82 -24.21
C GLY B 30 -23.31 -5.08 -23.40
N HIS B 31 -23.85 -5.15 -22.19
CA HIS B 31 -23.64 -6.30 -21.34
C HIS B 31 -24.16 -7.54 -22.02
N GLN B 32 -25.35 -7.47 -22.62
CA GLN B 32 -25.95 -8.64 -23.30
C GLN B 32 -25.12 -9.04 -24.51
N GLN B 33 -24.63 -8.04 -25.21
CA GLN B 33 -23.77 -8.22 -26.38
C GLN B 33 -22.44 -8.93 -25.99
N VAL B 34 -21.80 -8.49 -24.90
CA VAL B 34 -20.54 -9.13 -24.43
C VAL B 34 -20.77 -10.56 -23.93
N ARG B 35 -21.81 -10.73 -23.13
CA ARG B 35 -22.20 -12.04 -22.69
C ARG B 35 -22.33 -13.02 -23.85
N GLU B 36 -23.07 -12.62 -24.88
CA GLU B 36 -23.23 -13.48 -26.07
C GLU B 36 -21.90 -13.71 -26.75
N TYR B 37 -21.09 -12.66 -26.90
CA TYR B 37 -19.79 -12.82 -27.49
C TYR B 37 -18.90 -13.80 -26.70
N LEU B 38 -18.97 -13.80 -25.36
CA LEU B 38 -18.12 -14.72 -24.58
C LEU B 38 -18.52 -16.16 -24.85
N VAL B 39 -19.82 -16.42 -24.87
CA VAL B 39 -20.34 -17.76 -25.14
C VAL B 39 -19.84 -18.25 -26.49
N GLN B 40 -19.98 -17.40 -27.51
CA GLN B 40 -19.51 -17.77 -28.85
C GLN B 40 -18.05 -18.09 -28.85
N SER B 41 -17.25 -17.17 -28.30
CA SER B 41 -15.78 -17.33 -28.35
C SER B 41 -15.34 -18.62 -27.68
N LEU B 42 -15.90 -18.91 -26.51
CA LEU B 42 -15.57 -20.15 -25.79
C LEU B 42 -15.95 -21.40 -26.59
N ASN B 43 -17.15 -21.38 -27.19
CA ASN B 43 -17.60 -22.51 -28.01
C ASN B 43 -16.63 -22.74 -29.17
N GLY B 44 -16.25 -21.65 -29.83
CA GLY B 44 -15.31 -21.69 -30.94
C GLY B 44 -13.86 -21.98 -30.57
N LEU B 45 -13.53 -21.82 -29.29
CA LEU B 45 -12.20 -22.22 -28.79
C LEU B 45 -12.20 -23.65 -28.28
N GLY B 46 -13.35 -24.31 -28.34
CA GLY B 46 -13.46 -25.74 -28.02
C GLY B 46 -13.90 -26.05 -26.61
N PHE B 47 -14.43 -25.04 -25.91
CA PHE B 47 -14.93 -25.25 -24.55
C PHE B 47 -16.37 -25.74 -24.52
N GLN B 48 -16.66 -26.63 -23.58
CA GLN B 48 -18.02 -26.88 -23.12
C GLN B 48 -18.40 -25.66 -22.31
N THR B 49 -19.41 -24.93 -22.77
CA THR B 49 -19.79 -23.64 -22.23
C THR B 49 -21.14 -23.71 -21.52
N GLU B 50 -21.17 -23.32 -20.25
CA GLU B 50 -22.42 -23.20 -19.49
C GLU B 50 -22.58 -21.77 -19.01
N VAL B 51 -23.81 -21.35 -18.79
CA VAL B 51 -24.08 -20.05 -18.22
C VAL B 51 -24.81 -20.26 -16.90
N ASP B 52 -24.37 -19.51 -15.89
CA ASP B 52 -25.02 -19.52 -14.59
C ASP B 52 -25.80 -18.22 -14.50
N GLU B 53 -27.08 -18.29 -14.87
CA GLU B 53 -28.00 -17.16 -14.89
C GLU B 53 -28.89 -17.16 -13.69
N PHE B 54 -29.12 -15.99 -13.13
CA PHE B 54 -29.99 -15.85 -11.97
C PHE B 54 -30.45 -14.41 -11.81
N LYS B 55 -31.47 -14.20 -10.99
CA LYS B 55 -31.98 -12.87 -10.77
C LYS B 55 -31.73 -12.45 -9.36
N GLN B 56 -31.41 -11.17 -9.18
CA GLN B 56 -31.17 -10.64 -7.86
C GLN B 56 -31.39 -9.13 -7.80
N ARG B 57 -31.92 -8.67 -6.67
CA ARG B 57 -32.21 -7.26 -6.44
C ARG B 57 -30.99 -6.57 -5.87
N VAL B 58 -30.60 -5.44 -6.47
CA VAL B 58 -29.37 -4.75 -6.12
C VAL B 58 -29.67 -3.26 -5.98
N PRO B 59 -28.78 -2.51 -5.34
CA PRO B 59 -29.06 -1.07 -5.23
C PRO B 59 -29.21 -0.39 -6.60
N VAL B 60 -30.04 0.65 -6.63
CA VAL B 60 -30.22 1.54 -7.80
C VAL B 60 -31.19 0.96 -8.79
N PHE B 61 -30.86 -0.22 -9.33
CA PHE B 61 -31.59 -0.82 -10.42
C PHE B 61 -32.69 -1.80 -10.03
N GLY B 62 -32.80 -2.19 -8.76
CA GLY B 62 -33.70 -3.27 -8.39
C GLY B 62 -33.23 -4.61 -8.98
N GLU B 63 -34.16 -5.34 -9.60
CA GLU B 63 -33.90 -6.69 -10.07
C GLU B 63 -33.15 -6.73 -11.38
N LEU B 64 -32.04 -7.45 -11.38
CA LEU B 64 -31.26 -7.63 -12.59
C LEU B 64 -31.03 -9.10 -12.81
N THR B 65 -30.77 -9.42 -14.06
CA THR B 65 -30.43 -10.74 -14.48
C THR B 65 -28.90 -10.77 -14.61
N PHE B 66 -28.26 -11.65 -13.84
CA PHE B 66 -26.82 -11.89 -13.89
C PHE B 66 -26.54 -13.18 -14.63
N ALA B 67 -25.40 -13.25 -15.30
CA ALA B 67 -24.97 -14.51 -15.96
C ALA B 67 -23.44 -14.68 -15.95
N ASN B 68 -22.96 -15.60 -15.12
CA ASN B 68 -21.55 -16.01 -15.17
C ASN B 68 -21.40 -16.90 -16.38
N VAL B 69 -20.29 -16.78 -17.09
CA VAL B 69 -20.08 -17.59 -18.27
C VAL B 69 -18.86 -18.47 -18.03
N VAL B 70 -19.07 -19.76 -17.99
CA VAL B 70 -18.02 -20.70 -17.62
C VAL B 70 -17.78 -21.64 -18.79
N GLY B 71 -16.54 -21.67 -19.29
CA GLY B 71 -16.13 -22.68 -20.26
C GLY B 71 -15.21 -23.71 -19.63
N THR B 72 -15.39 -24.99 -19.98
CA THR B 72 -14.57 -26.11 -19.44
C THR B 72 -14.05 -27.02 -20.53
N ILE B 73 -12.80 -27.47 -20.40
CA ILE B 73 -12.25 -28.54 -21.24
C ILE B 73 -11.91 -29.68 -20.28
N ASN B 74 -12.43 -30.87 -20.58
CA ASN B 74 -12.38 -32.05 -19.71
C ASN B 74 -13.27 -31.92 -18.48
N PRO B 75 -14.59 -31.78 -18.68
CA PRO B 75 -15.51 -31.61 -17.53
C PRO B 75 -15.58 -32.80 -16.58
N GLN B 76 -15.11 -33.97 -16.99
CA GLN B 76 -15.16 -35.15 -16.14
C GLN B 76 -13.83 -35.38 -15.40
N ALA B 77 -12.89 -34.46 -15.52
CA ALA B 77 -11.58 -34.58 -14.90
C ALA B 77 -11.70 -34.56 -13.41
N GLN B 78 -10.70 -35.13 -12.74
CA GLN B 78 -10.71 -35.18 -11.29
C GLN B 78 -10.50 -33.80 -10.66
N ASN B 79 -9.70 -32.97 -11.32
CA ASN B 79 -9.31 -31.67 -10.78
C ASN B 79 -9.24 -30.63 -11.89
N PHE B 80 -9.21 -29.35 -11.51
CA PHE B 80 -9.23 -28.26 -12.49
C PHE B 80 -8.26 -27.11 -12.17
N LEU B 81 -7.69 -26.54 -13.21
CA LEU B 81 -7.09 -25.22 -13.17
C LEU B 81 -8.17 -24.25 -13.63
N ALA B 82 -8.45 -23.23 -12.82
CA ALA B 82 -9.50 -22.25 -13.14
C ALA B 82 -8.88 -20.87 -13.28
N LEU B 83 -9.14 -20.22 -14.42
CA LEU B 83 -8.68 -18.89 -14.72
C LEU B 83 -9.92 -18.00 -14.87
N ALA B 84 -9.85 -16.77 -14.36
CA ALA B 84 -11.04 -15.94 -14.23
C ALA B 84 -10.77 -14.45 -14.38
N ALA B 85 -11.82 -13.74 -14.77
CA ALA B 85 -11.86 -12.28 -14.87
C ALA B 85 -13.34 -11.90 -14.78
N HIS B 86 -13.65 -10.63 -14.48
CA HIS B 86 -15.03 -10.15 -14.51
C HIS B 86 -15.31 -9.40 -15.82
N TYR B 87 -16.46 -9.72 -16.42
CA TYR B 87 -16.84 -9.11 -17.70
C TYR B 87 -17.82 -7.96 -17.59
N ASP B 88 -18.47 -7.75 -16.43
CA ASP B 88 -19.27 -6.53 -16.24
C ASP B 88 -18.37 -5.32 -16.16
N SER B 89 -18.93 -4.15 -16.50
CA SER B 89 -18.25 -2.90 -16.22
C SER B 89 -19.01 -2.15 -15.16
N LYS B 90 -18.30 -1.30 -14.41
CA LYS B 90 -18.88 -0.54 -13.30
C LYS B 90 -19.84 0.54 -13.75
N TYR B 91 -20.94 0.65 -13.00
CA TYR B 91 -21.89 1.71 -13.15
C TYR B 91 -21.44 3.03 -12.54
N PHE B 92 -21.37 4.07 -13.35
CA PHE B 92 -21.12 5.44 -12.89
C PHE B 92 -22.27 6.33 -13.41
N PRO B 93 -23.12 6.86 -12.51
CA PRO B 93 -24.08 7.85 -12.97
C PRO B 93 -23.48 8.88 -13.93
N ASN B 94 -22.30 9.42 -13.60
CA ASN B 94 -21.73 10.49 -14.38
C ASN B 94 -20.78 10.01 -15.46
N ASP B 95 -20.73 8.69 -15.71
CA ASP B 95 -19.84 8.16 -16.77
C ASP B 95 -20.45 6.93 -17.46
N PRO B 96 -21.53 7.16 -18.22
CA PRO B 96 -22.19 6.12 -18.99
C PRO B 96 -21.27 5.47 -20.02
N GLY B 97 -20.29 6.21 -20.50
CA GLY B 97 -19.30 5.67 -21.43
C GLY B 97 -18.15 4.85 -20.85
N PHE B 98 -18.09 4.68 -19.53
CA PHE B 98 -17.01 3.87 -18.91
C PHE B 98 -16.95 2.48 -19.52
N VAL B 99 -15.76 2.12 -20.06
CA VAL B 99 -15.51 0.82 -20.68
C VAL B 99 -14.58 -0.12 -19.88
N GLY B 100 -13.89 0.42 -18.89
CA GLY B 100 -13.06 -0.43 -18.02
C GLY B 100 -12.07 -1.28 -18.78
N ALA B 101 -11.19 -0.62 -19.52
CA ALA B 101 -10.17 -1.33 -20.32
C ALA B 101 -9.30 -2.27 -19.46
N THR B 102 -8.76 -1.78 -18.34
CA THR B 102 -8.01 -2.65 -17.42
C THR B 102 -8.87 -3.46 -16.49
N ASP B 103 -10.14 -3.08 -16.36
CA ASP B 103 -11.04 -3.52 -15.31
C ASP B 103 -12.42 -3.93 -15.88
N SER B 104 -12.56 -5.10 -16.49
CA SER B 104 -11.46 -6.03 -16.73
C SER B 104 -11.52 -6.51 -18.17
N ALA B 105 -11.67 -5.57 -19.12
CA ALA B 105 -11.75 -5.97 -20.54
C ALA B 105 -10.49 -6.70 -20.97
N VAL B 106 -9.32 -6.14 -20.65
CA VAL B 106 -8.05 -6.74 -21.02
C VAL B 106 -7.88 -8.12 -20.35
N PRO B 107 -8.07 -8.22 -19.01
CA PRO B 107 -8.06 -9.53 -18.43
C PRO B 107 -8.97 -10.56 -19.11
N ALA B 108 -10.23 -10.19 -19.43
CA ALA B 108 -11.13 -11.10 -20.14
C ALA B 108 -10.53 -11.54 -21.49
N ALA B 109 -10.07 -10.56 -22.28
CA ALA B 109 -9.39 -10.86 -23.57
C ALA B 109 -8.17 -11.74 -23.40
N ILE B 110 -7.36 -11.49 -22.35
CA ILE B 110 -6.20 -12.35 -22.07
C ILE B 110 -6.57 -13.82 -21.91
N LEU B 111 -7.65 -14.10 -21.21
CA LEU B 111 -8.09 -15.48 -21.04
C LEU B 111 -8.42 -16.19 -22.36
N LEU B 112 -9.23 -15.52 -23.20
CA LEU B 112 -9.61 -16.09 -24.49
C LEU B 112 -8.37 -16.23 -25.36
N ASN B 113 -7.53 -15.21 -25.37
CA ASN B 113 -6.27 -15.26 -26.12
C ASN B 113 -5.31 -16.35 -25.65
N THR B 114 -5.29 -16.61 -24.35
CA THR B 114 -4.51 -17.71 -23.81
C THR B 114 -5.02 -19.03 -24.37
N ALA B 115 -6.32 -19.22 -24.35
CA ALA B 115 -6.91 -20.40 -24.94
C ALA B 115 -6.62 -20.46 -26.43
N LYS B 116 -6.54 -19.31 -27.09
CA LYS B 116 -6.25 -19.30 -28.53
C LYS B 116 -4.81 -19.74 -28.82
N THR B 117 -3.84 -19.05 -28.22
CA THR B 117 -2.44 -19.32 -28.47
C THR B 117 -2.01 -20.72 -28.02
N LEU B 118 -2.76 -21.36 -27.11
CA LEU B 118 -2.44 -22.73 -26.69
C LEU B 118 -3.42 -23.77 -27.26
N GLY B 119 -4.16 -23.39 -28.29
CA GLY B 119 -5.18 -24.27 -28.87
C GLY B 119 -4.65 -25.58 -29.44
N ALA B 120 -3.45 -25.53 -30.02
CA ALA B 120 -2.82 -26.71 -30.59
C ALA B 120 -2.64 -27.80 -29.53
N TYR B 121 -2.24 -27.40 -28.31
CA TYR B 121 -2.21 -28.28 -27.14
C TYR B 121 -3.63 -28.53 -26.62
N LEU B 122 -4.35 -27.45 -26.30
CA LEU B 122 -5.63 -27.55 -25.61
C LEU B 122 -6.73 -28.33 -26.34
N GLN B 123 -6.76 -28.26 -27.68
CA GLN B 123 -7.81 -28.93 -28.45
C GLN B 123 -7.46 -30.36 -28.94
N LYS B 124 -6.23 -30.80 -28.70
CA LYS B 124 -5.79 -32.13 -29.11
C LYS B 124 -5.26 -32.97 -27.93
N GLU B 125 -3.96 -32.92 -27.67
CA GLU B 125 -3.33 -33.76 -26.64
C GLU B 125 -3.88 -33.57 -25.21
N PHE B 126 -4.22 -32.34 -24.85
CA PHE B 126 -4.80 -32.06 -23.51
C PHE B 126 -6.13 -32.82 -23.24
N ARG B 127 -6.90 -33.09 -24.29
CA ARG B 127 -8.18 -33.82 -24.13
C ARG B 127 -8.05 -35.30 -23.74
N ASN B 128 -6.90 -35.91 -24.04
CA ASN B 128 -6.68 -37.35 -23.78
C ASN B 128 -6.21 -37.61 -22.35
N ARG B 129 -7.02 -37.20 -21.36
CA ARG B 129 -6.66 -37.32 -19.94
C ARG B 129 -7.85 -37.14 -19.00
N SER B 130 -7.74 -37.72 -17.80
CA SER B 130 -8.80 -37.63 -16.82
C SER B 130 -8.35 -37.04 -15.48
N ASP B 131 -7.12 -36.56 -15.42
CA ASP B 131 -6.53 -36.07 -14.16
C ASP B 131 -6.81 -34.57 -13.95
N VAL B 132 -6.66 -33.75 -14.99
CA VAL B 132 -6.92 -32.32 -14.85
C VAL B 132 -7.69 -31.75 -16.04
N GLY B 133 -8.54 -30.76 -15.75
CA GLY B 133 -9.23 -29.99 -16.78
C GLY B 133 -8.92 -28.51 -16.69
N LEU B 134 -9.45 -27.73 -17.63
CA LEU B 134 -9.29 -26.28 -17.68
C LEU B 134 -10.63 -25.59 -17.63
N MET B 135 -10.78 -24.67 -16.68
CA MET B 135 -11.98 -23.84 -16.58
C MET B 135 -11.61 -22.39 -16.81
N LEU B 136 -12.41 -21.72 -17.64
CA LEU B 136 -12.33 -20.27 -17.82
C LEU B 136 -13.63 -19.73 -17.27
N ILE B 137 -13.51 -18.85 -16.26
CA ILE B 137 -14.68 -18.27 -15.60
C ILE B 137 -14.70 -16.77 -15.85
N PHE B 138 -15.76 -16.31 -16.50
CA PHE B 138 -16.04 -14.91 -16.62
C PHE B 138 -17.10 -14.60 -15.61
N PHE B 139 -16.73 -13.91 -14.53
CA PHE B 139 -17.69 -13.56 -13.50
C PHE B 139 -18.49 -12.36 -13.95
N ASP B 140 -19.78 -12.38 -13.61
CA ASP B 140 -20.68 -11.27 -13.81
C ASP B 140 -20.92 -10.57 -12.49
N GLY B 141 -21.28 -9.29 -12.56
CA GLY B 141 -21.62 -8.55 -11.37
C GLY B 141 -20.52 -8.38 -10.34
N GLU B 142 -19.26 -8.32 -10.78
CA GLU B 142 -18.15 -8.07 -9.84
C GLU B 142 -18.30 -6.73 -9.12
N GLU B 143 -18.61 -5.70 -9.89
CA GLU B 143 -18.64 -4.32 -9.36
C GLU B 143 -19.85 -3.95 -8.52
N ALA B 144 -19.63 -3.07 -7.52
CA ALA B 144 -20.71 -2.55 -6.69
C ALA B 144 -21.59 -1.66 -7.56
N PHE B 145 -22.89 -1.63 -7.24
CA PHE B 145 -23.83 -0.72 -7.90
C PHE B 145 -23.92 0.65 -7.24
N LYS B 146 -23.72 0.71 -5.94
CA LYS B 146 -23.74 1.96 -5.25
C LYS B 146 -22.37 2.22 -4.63
N GLU B 147 -21.93 1.34 -3.72
CA GLU B 147 -20.69 1.54 -2.95
C GLU B 147 -20.17 0.17 -2.46
N TRP B 148 -18.89 -0.09 -2.68
CA TRP B 148 -18.31 -1.42 -2.45
C TRP B 148 -18.44 -1.79 -0.99
N THR B 149 -19.19 -2.84 -0.72
CA THR B 149 -19.27 -3.40 0.63
C THR B 149 -19.28 -4.90 0.47
N ASP B 150 -19.31 -5.60 1.61
CA ASP B 150 -19.34 -7.03 1.60
C ASP B 150 -20.55 -7.54 0.80
N ALA B 151 -21.68 -6.86 0.98
CA ALA B 151 -22.93 -7.16 0.29
C ALA B 151 -22.99 -6.61 -1.14
N ASP B 152 -22.64 -5.36 -1.33
CA ASP B 152 -22.71 -4.72 -2.66
C ASP B 152 -21.38 -4.97 -3.41
N SER B 153 -21.27 -6.16 -3.98
CA SER B 153 -20.05 -6.64 -4.66
C SER B 153 -20.18 -8.09 -5.05
N VAL B 154 -19.38 -8.50 -6.04
CA VAL B 154 -19.09 -9.89 -6.36
C VAL B 154 -20.37 -10.78 -6.41
N TYR B 155 -21.41 -10.24 -7.03
CA TYR B 155 -22.71 -10.91 -7.12
C TYR B 155 -22.65 -12.24 -7.84
N GLY B 156 -22.02 -12.24 -9.02
CA GLY B 156 -21.85 -13.46 -9.80
C GLY B 156 -21.02 -14.50 -9.06
N SER B 157 -19.86 -14.08 -8.59
CA SER B 157 -18.97 -14.98 -7.90
C SER B 157 -19.67 -15.63 -6.69
N LYS B 158 -20.31 -14.84 -5.86
CA LYS B 158 -21.03 -15.41 -4.72
C LYS B 158 -21.95 -16.55 -5.15
N HIS B 159 -22.70 -16.32 -6.22
CA HIS B 159 -23.69 -17.28 -6.68
C HIS B 159 -23.04 -18.52 -7.30
N LEU B 160 -21.98 -18.32 -8.10
CA LEU B 160 -21.30 -19.45 -8.70
C LEU B 160 -20.60 -20.32 -7.64
N ALA B 161 -20.06 -19.68 -6.61
CA ALA B 161 -19.39 -20.41 -5.53
C ALA B 161 -20.40 -21.29 -4.79
N ALA B 162 -21.58 -20.73 -4.51
CA ALA B 162 -22.65 -21.47 -3.84
C ALA B 162 -23.07 -22.66 -4.70
N LYS B 163 -23.16 -22.44 -6.01
CA LYS B 163 -23.61 -23.49 -6.92
C LYS B 163 -22.59 -24.63 -6.94
N LEU B 164 -21.33 -24.31 -7.20
CA LEU B 164 -20.27 -25.31 -7.21
C LEU B 164 -20.09 -26.03 -5.87
N ALA B 165 -20.32 -25.34 -4.78
CA ALA B 165 -20.22 -25.92 -3.46
C ALA B 165 -21.35 -26.93 -3.16
N SER B 166 -22.52 -26.72 -3.76
CA SER B 166 -23.71 -27.52 -3.47
C SER B 166 -23.76 -28.86 -4.27
N LYS B 167 -22.98 -28.95 -5.33
CA LYS B 167 -23.02 -30.09 -6.27
C LYS B 167 -21.93 -31.11 -5.89
N ARG B 168 -22.31 -32.39 -5.97
CA ARG B 168 -21.47 -33.57 -5.63
C ARG B 168 -20.65 -33.46 -4.33
N ALA B 176 -17.58 -38.35 -1.89
CA ALA B 176 -17.35 -37.58 -3.12
C ALA B 176 -16.97 -36.13 -2.76
N PRO B 177 -16.03 -35.53 -3.51
CA PRO B 177 -15.84 -34.09 -3.27
C PRO B 177 -16.97 -33.24 -3.87
N ARG B 178 -17.17 -32.08 -3.27
CA ARG B 178 -17.97 -31.02 -3.85
C ARG B 178 -17.25 -30.54 -5.13
N ASN B 179 -18.00 -30.04 -6.11
CA ASN B 179 -17.38 -29.59 -7.36
C ASN B 179 -16.35 -28.48 -7.10
N ILE B 180 -16.68 -27.60 -6.15
CA ILE B 180 -15.81 -26.47 -5.89
C ILE B 180 -14.48 -26.98 -5.30
N ASP B 181 -14.53 -28.13 -4.62
CA ASP B 181 -13.31 -28.73 -4.06
C ASP B 181 -12.36 -29.32 -5.12
N ARG B 182 -12.84 -29.51 -6.35
CA ARG B 182 -12.00 -29.98 -7.45
C ARG B 182 -11.16 -28.90 -8.14
N ILE B 183 -11.34 -27.66 -7.73
CA ILE B 183 -10.54 -26.56 -8.23
C ILE B 183 -9.27 -26.53 -7.39
N GLU B 184 -8.15 -26.82 -8.02
CA GLU B 184 -6.82 -26.78 -7.38
C GLU B 184 -6.38 -25.36 -7.06
N VAL B 185 -6.66 -24.44 -7.95
CA VAL B 185 -6.38 -23.03 -7.73
C VAL B 185 -7.25 -22.19 -8.67
N LEU B 186 -7.72 -21.05 -8.15
CA LEU B 186 -8.40 -20.02 -8.92
C LEU B 186 -7.45 -18.91 -9.22
N VAL B 187 -7.11 -18.76 -10.49
CA VAL B 187 -6.19 -17.70 -10.90
C VAL B 187 -7.06 -16.56 -11.39
N LEU B 188 -7.06 -15.48 -10.64
CA LEU B 188 -7.99 -14.40 -10.91
C LEU B 188 -7.20 -13.22 -11.43
N LEU B 189 -7.54 -12.77 -12.63
CA LEU B 189 -6.85 -11.65 -13.27
C LEU B 189 -7.72 -10.41 -13.24
N ASP B 190 -7.13 -9.28 -12.90
CA ASP B 190 -7.87 -8.06 -12.66
C ASP B 190 -6.91 -6.88 -12.76
N LEU B 191 -7.35 -5.79 -13.34
CA LEU B 191 -6.57 -4.56 -13.44
C LEU B 191 -5.26 -4.73 -14.24
N ILE B 192 -5.38 -5.29 -15.42
CA ILE B 192 -4.24 -5.56 -16.28
C ILE B 192 -4.43 -4.77 -17.55
N GLY B 193 -3.34 -4.18 -18.05
CA GLY B 193 -3.39 -3.36 -19.24
C GLY B 193 -2.57 -2.08 -19.16
N ALA B 194 -2.33 -1.60 -17.94
CA ALA B 194 -1.49 -0.44 -17.76
C ALA B 194 0.02 -0.70 -17.86
N ARG B 195 0.76 0.40 -17.94
CA ARG B 195 2.21 0.37 -18.05
C ARG B 195 2.87 -0.05 -16.75
N ASN B 196 3.79 -1.00 -16.92
N ASN B 196 3.87 -0.93 -16.79
CA ASN B 196 4.71 -1.46 -15.90
CA ASN B 196 4.72 -1.16 -15.61
C ASN B 196 3.98 -1.82 -14.60
C ASN B 196 3.92 -1.77 -14.44
N PRO B 197 3.03 -2.77 -14.71
CA PRO B 197 2.27 -3.33 -13.58
C PRO B 197 3.16 -4.18 -12.70
N LYS B 198 2.81 -4.30 -11.43
CA LYS B 198 3.54 -5.14 -10.48
C LYS B 198 2.62 -6.17 -9.88
N PHE B 199 2.98 -7.45 -10.02
CA PHE B 199 2.25 -8.55 -9.41
C PHE B 199 3.05 -9.17 -8.27
N SER B 200 2.52 -9.06 -7.05
CA SER B 200 3.11 -9.67 -5.87
C SER B 200 2.20 -10.78 -5.27
N SER B 201 2.75 -11.56 -4.35
CA SER B 201 2.06 -12.77 -3.87
C SER B 201 1.16 -12.47 -2.67
N PHE B 202 -0.14 -12.66 -2.86
CA PHE B 202 -1.12 -12.29 -1.83
C PHE B 202 -1.35 -13.40 -0.83
N TYR B 203 -1.16 -14.64 -1.25
CA TYR B 203 -1.44 -15.79 -0.40
C TYR B 203 -0.27 -16.78 -0.33
N GLU B 204 0.04 -17.12 0.91
CA GLU B 204 1.11 -18.00 1.28
C GLU B 204 1.08 -19.32 0.51
N ASN B 205 -0.06 -19.97 0.50
CA ASN B 205 -0.16 -21.27 -0.12
C ASN B 205 -0.04 -21.24 -1.65
N THR B 206 -0.04 -20.08 -2.26
CA THR B 206 0.19 -19.97 -3.69
C THR B 206 1.51 -19.20 -3.98
N ASP B 207 2.39 -19.04 -2.99
CA ASP B 207 3.75 -18.44 -3.25
C ASP B 207 4.53 -19.23 -4.30
N GLY B 208 4.38 -20.54 -4.25
CA GLY B 208 4.98 -21.45 -5.24
C GLY B 208 4.55 -21.18 -6.66
N LEU B 209 3.25 -21.07 -6.89
CA LEU B 209 2.76 -20.70 -8.22
C LEU B 209 3.25 -19.31 -8.59
N HIS B 210 3.28 -18.38 -7.65
CA HIS B 210 3.78 -17.05 -7.95
C HIS B 210 5.27 -17.05 -8.42
N SER B 211 6.10 -17.84 -7.74
CA SER B 211 7.52 -18.06 -8.10
C SER B 211 7.69 -18.56 -9.51
N SER B 212 6.82 -19.46 -9.94
CA SER B 212 6.85 -19.92 -11.30
C SER B 212 6.71 -18.77 -12.27
N LEU B 213 5.76 -17.86 -12.00
CA LEU B 213 5.61 -16.68 -12.85
C LEU B 213 6.89 -15.87 -12.83
N VAL B 214 7.48 -15.73 -11.65
CA VAL B 214 8.74 -14.99 -11.55
C VAL B 214 9.83 -15.63 -12.44
N GLN B 215 9.97 -16.94 -12.32
CA GLN B 215 10.98 -17.71 -13.01
C GLN B 215 10.73 -17.68 -14.51
N ILE B 216 9.47 -17.87 -14.94
CA ILE B 216 9.15 -17.81 -16.37
C ILE B 216 9.51 -16.43 -16.94
N GLU B 217 9.15 -15.36 -16.24
CA GLU B 217 9.53 -14.04 -16.71
C GLU B 217 11.05 -13.93 -16.87
N LYS B 218 11.81 -14.37 -15.87
CA LYS B 218 13.27 -14.37 -15.97
C LYS B 218 13.79 -15.18 -17.18
N SER B 219 13.23 -16.36 -17.43
CA SER B 219 13.68 -17.16 -18.59
C SER B 219 13.35 -16.50 -19.91
N LEU B 220 12.14 -15.95 -20.03
CA LEU B 220 11.74 -15.33 -21.29
C LEU B 220 12.59 -14.09 -21.54
N ARG B 221 12.96 -13.37 -20.48
CA ARG B 221 13.81 -12.21 -20.64
C ARG B 221 15.23 -12.58 -21.12
N THR B 222 15.81 -13.64 -20.55
CA THR B 222 17.13 -14.11 -20.96
C THR B 222 17.06 -14.52 -22.43
N ALA B 223 15.98 -15.21 -22.81
CA ALA B 223 15.79 -15.63 -24.19
C ALA B 223 15.49 -14.48 -25.16
N GLY B 224 15.51 -13.23 -24.68
CA GLY B 224 15.25 -12.06 -25.52
C GLY B 224 13.80 -11.89 -25.98
N GLN B 225 12.85 -12.57 -25.32
CA GLN B 225 11.47 -12.61 -25.82
C GLN B 225 10.51 -11.58 -25.20
N LEU B 226 11.03 -10.68 -24.38
CA LEU B 226 10.24 -9.66 -23.68
C LEU B 226 10.59 -8.28 -24.20
N GLU B 227 9.64 -7.35 -24.13
CA GLU B 227 9.90 -5.96 -24.44
C GLU B 227 10.31 -5.19 -23.18
N GLY B 228 11.22 -4.23 -23.35
CA GLY B 228 11.68 -3.41 -22.23
C GLY B 228 12.40 -4.20 -21.16
N ASN B 229 12.70 -3.54 -20.06
CA ASN B 229 13.47 -4.14 -18.98
C ASN B 229 12.79 -3.95 -17.60
N ASN B 230 11.48 -4.08 -17.55
CA ASN B 230 10.76 -3.95 -16.28
C ASN B 230 10.31 -5.31 -15.70
N ASN B 231 10.58 -5.52 -14.42
CA ASN B 231 10.15 -6.72 -13.67
C ASN B 231 8.64 -6.58 -13.38
N MET B 232 7.84 -7.43 -14.02
CA MET B 232 6.39 -7.46 -13.84
C MET B 232 6.01 -8.33 -12.61
N PHE B 233 6.59 -9.53 -12.55
CA PHE B 233 6.31 -10.46 -11.46
C PHE B 233 7.34 -10.42 -10.35
N LEU B 234 6.93 -9.91 -9.20
CA LEU B 234 7.88 -9.60 -8.15
C LEU B 234 8.00 -10.77 -7.19
N SER B 235 9.23 -11.09 -6.80
CA SER B 235 9.45 -12.14 -5.80
C SER B 235 9.28 -11.60 -4.37
N ARG B 236 8.05 -11.18 -4.06
CA ARG B 236 7.70 -10.59 -2.75
C ARG B 236 6.24 -10.82 -2.43
N VAL B 237 5.91 -10.70 -1.14
CA VAL B 237 4.54 -10.74 -0.67
C VAL B 237 3.89 -9.36 -0.90
N SER B 238 2.60 -9.38 -1.16
CA SER B 238 1.84 -8.14 -1.32
C SER B 238 1.76 -7.35 0.01
N GLY B 239 1.57 -6.03 -0.10
CA GLY B 239 1.43 -5.13 1.06
C GLY B 239 0.12 -5.19 1.86
N GLY B 240 -0.91 -5.77 1.25
CA GLY B 240 -2.23 -5.89 1.85
C GLY B 240 -3.13 -6.64 0.87
N LEU B 241 -4.24 -7.20 1.34
CA LEU B 241 -5.17 -7.91 0.50
C LEU B 241 -6.04 -6.97 -0.31
N VAL B 242 -6.54 -7.48 -1.43
CA VAL B 242 -7.47 -6.77 -2.29
C VAL B 242 -8.80 -7.55 -2.40
N ASP B 243 -9.89 -7.00 -1.91
CA ASP B 243 -11.20 -7.68 -2.06
C ASP B 243 -11.58 -7.83 -3.54
N ASP B 244 -12.15 -8.97 -3.92
CA ASP B 244 -12.39 -9.24 -5.35
C ASP B 244 -13.22 -10.52 -5.51
N ASP B 245 -13.43 -10.96 -6.75
CA ASP B 245 -14.25 -12.13 -7.08
C ASP B 245 -13.78 -13.42 -6.42
N HIS B 246 -12.53 -13.45 -5.96
CA HIS B 246 -12.00 -14.67 -5.33
C HIS B 246 -12.55 -14.90 -3.92
N ARG B 247 -13.02 -13.85 -3.24
CA ARG B 247 -13.46 -13.96 -1.85
C ARG B 247 -14.43 -15.13 -1.58
N PRO B 248 -15.50 -15.25 -2.37
CA PRO B 248 -16.45 -16.34 -2.07
C PRO B 248 -15.83 -17.70 -2.30
N PHE B 249 -14.77 -17.77 -3.11
CA PHE B 249 -14.03 -18.99 -3.30
C PHE B 249 -13.02 -19.22 -2.16
N LEU B 250 -12.28 -18.18 -1.79
CA LEU B 250 -11.37 -18.25 -0.63
C LEU B 250 -12.16 -18.74 0.60
N ASP B 251 -13.37 -18.19 0.79
CA ASP B 251 -14.26 -18.56 1.87
C ASP B 251 -14.63 -20.04 1.84
N GLU B 252 -14.55 -20.69 0.68
CA GLU B 252 -14.77 -22.14 0.59
C GLU B 252 -13.47 -22.97 0.50
N ASN B 253 -12.37 -22.38 0.95
CA ASN B 253 -11.03 -23.01 1.04
C ASN B 253 -10.34 -23.31 -0.29
N VAL B 254 -10.82 -22.69 -1.38
CA VAL B 254 -10.12 -22.76 -2.66
C VAL B 254 -8.83 -21.88 -2.66
N PRO B 255 -7.69 -22.46 -3.08
CA PRO B 255 -6.49 -21.64 -3.19
C PRO B 255 -6.66 -20.57 -4.24
N VAL B 256 -6.07 -19.41 -4.01
CA VAL B 256 -6.18 -18.29 -4.94
C VAL B 256 -4.82 -17.73 -5.28
N LEU B 257 -4.60 -17.53 -6.57
CA LEU B 257 -3.48 -16.76 -7.08
C LEU B 257 -4.12 -15.51 -7.65
N HIS B 258 -3.90 -14.37 -6.99
CA HIS B 258 -4.58 -13.10 -7.32
C HIS B 258 -3.67 -12.17 -8.13
N LEU B 259 -3.83 -12.27 -9.44
CA LEU B 259 -3.07 -11.48 -10.42
C LEU B 259 -3.79 -10.18 -10.66
N VAL B 260 -3.79 -9.37 -9.60
CA VAL B 260 -4.19 -8.00 -9.66
C VAL B 260 -2.99 -7.11 -9.42
N ALA B 261 -2.84 -6.13 -10.28
CA ALA B 261 -1.74 -5.20 -10.19
C ALA B 261 -1.93 -4.29 -8.98
N THR B 262 -0.86 -4.14 -8.20
CA THR B 262 -0.77 -3.19 -7.10
C THR B 262 0.60 -2.47 -7.23
N PRO B 263 0.59 -1.12 -7.28
CA PRO B 263 -0.59 -0.25 -7.23
C PRO B 263 -1.57 -0.49 -8.39
N PHE B 264 -2.84 -0.18 -8.15
CA PHE B 264 -3.87 -0.16 -9.18
C PHE B 264 -3.43 0.82 -10.29
N PRO B 265 -3.83 0.56 -11.55
CA PRO B 265 -3.61 1.53 -12.61
C PRO B 265 -4.04 2.94 -12.19
N ASP B 266 -3.23 3.93 -12.56
CA ASP B 266 -3.55 5.33 -12.33
C ASP B 266 -5.02 5.65 -12.68
N VAL B 267 -5.51 5.04 -13.77
CA VAL B 267 -6.83 5.36 -14.32
C VAL B 267 -8.03 4.62 -13.69
N TRP B 268 -7.74 3.81 -12.67
CA TRP B 268 -8.74 2.96 -12.01
C TRP B 268 -9.99 3.73 -11.63
N HIS B 269 -11.17 3.23 -12.03
CA HIS B 269 -12.47 3.86 -11.74
C HIS B 269 -12.53 5.35 -12.08
N THR B 270 -12.00 5.70 -13.26
CA THR B 270 -12.11 7.04 -13.83
C THR B 270 -12.44 6.88 -15.30
N PRO B 271 -12.86 7.98 -15.98
CA PRO B 271 -13.18 7.87 -17.41
C PRO B 271 -12.01 7.50 -18.31
N ARG B 272 -10.80 7.70 -17.79
CA ARG B 272 -9.59 7.39 -18.53
C ARG B 272 -9.19 5.91 -18.56
N ASP B 273 -9.97 5.02 -17.93
CA ASP B 273 -9.68 3.58 -18.10
C ASP B 273 -10.25 3.07 -19.42
N ASN B 274 -9.52 3.42 -20.49
CA ASN B 274 -9.94 3.28 -21.88
C ASN B 274 -8.77 2.73 -22.66
N ALA B 275 -9.00 2.44 -23.94
CA ALA B 275 -7.97 1.88 -24.82
C ALA B 275 -6.75 2.81 -24.95
N ALA B 276 -6.95 4.11 -24.86
CA ALA B 276 -5.88 5.09 -25.09
C ALA B 276 -4.83 4.99 -23.99
N ASN B 277 -5.25 4.55 -22.80
CA ASN B 277 -4.34 4.51 -21.67
C ASN B 277 -3.72 3.13 -21.43
N LEU B 278 -4.00 2.18 -22.33
CA LEU B 278 -3.39 0.86 -22.26
C LEU B 278 -1.95 0.91 -22.74
N HIS B 279 -1.14 -0.05 -22.28
CA HIS B 279 0.29 -0.09 -22.64
C HIS B 279 0.57 -1.45 -23.23
N TRP B 280 0.60 -1.51 -24.56
CA TRP B 280 0.57 -2.79 -25.29
C TRP B 280 1.79 -3.70 -25.03
N PRO B 281 2.99 -3.13 -24.84
CA PRO B 281 4.14 -3.98 -24.51
C PRO B 281 4.01 -4.69 -23.15
N SER B 282 3.38 -4.03 -22.18
CA SER B 282 3.02 -4.69 -20.91
C SER B 282 2.03 -5.82 -21.15
N ILE B 283 0.97 -5.57 -21.93
CA ILE B 283 0.00 -6.62 -22.26
C ILE B 283 0.71 -7.80 -22.91
N ARG B 284 1.57 -7.52 -23.89
CA ARG B 284 2.25 -8.60 -24.60
C ARG B 284 3.20 -9.40 -23.71
N ASN B 285 3.94 -8.69 -22.87
CA ASN B 285 4.79 -9.32 -21.88
C ASN B 285 4.01 -10.16 -20.86
N PHE B 286 2.86 -9.62 -20.41
CA PHE B 286 1.99 -10.38 -19.54
C PHE B 286 1.58 -11.68 -20.20
N ASN B 287 1.12 -11.56 -21.46
CA ASN B 287 0.63 -12.73 -22.21
C ASN B 287 1.68 -13.81 -22.45
N ARG B 288 2.91 -13.39 -22.74
CA ARG B 288 3.98 -14.37 -22.94
C ARG B 288 4.22 -15.17 -21.66
N VAL B 289 4.38 -14.46 -20.54
CA VAL B 289 4.58 -15.14 -19.28
C VAL B 289 3.40 -16.03 -18.88
N PHE B 290 2.18 -15.54 -19.09
CA PHE B 290 0.98 -16.23 -18.58
C PHE B 290 0.61 -17.45 -19.39
N ARG B 291 0.76 -17.37 -20.71
CA ARG B 291 0.46 -18.52 -21.56
C ARG B 291 1.40 -19.68 -21.24
N ASN B 292 2.66 -19.35 -20.95
CA ASN B 292 3.64 -20.37 -20.59
C ASN B 292 3.43 -20.92 -19.17
N PHE B 293 3.07 -20.05 -18.23
CA PHE B 293 2.61 -20.49 -16.91
C PHE B 293 1.44 -21.48 -17.04
N VAL B 294 0.46 -21.15 -17.88
CA VAL B 294 -0.72 -22.02 -18.00
C VAL B 294 -0.36 -23.33 -18.70
N TYR B 295 0.39 -23.25 -19.79
CA TYR B 295 0.86 -24.46 -20.47
C TYR B 295 1.60 -25.39 -19.49
N GLN B 296 2.60 -24.86 -18.80
CA GLN B 296 3.45 -25.70 -17.94
C GLN B 296 2.65 -26.29 -16.79
N TYR B 297 1.66 -25.57 -16.29
CA TYR B 297 0.84 -26.09 -15.20
C TYR B 297 0.13 -27.35 -15.64
N LEU B 298 -0.49 -27.29 -16.81
CA LEU B 298 -1.31 -28.41 -17.28
C LEU B 298 -0.43 -29.58 -17.79
N LYS B 299 0.61 -29.25 -18.56
CA LYS B 299 1.55 -30.25 -19.11
C LYS B 299 2.23 -31.07 -18.03
N ARG B 300 2.74 -30.42 -16.99
CA ARG B 300 3.46 -31.12 -15.91
C ARG B 300 2.54 -31.79 -14.88
N HIS B 301 1.25 -31.47 -14.89
CA HIS B 301 0.32 -32.02 -13.91
C HIS B 301 0.25 -33.55 -14.05
N THR B 302 0.42 -34.26 -12.93
CA THR B 302 0.18 -35.69 -12.90
C THR B 302 -0.88 -36.05 -11.84
N SER B 303 -0.51 -35.95 -10.56
CA SER B 303 -1.44 -36.25 -9.46
C SER B 303 -2.12 -34.98 -8.93
N PRO B 304 -3.26 -35.16 -8.21
CA PRO B 304 -3.98 -34.00 -7.65
C PRO B 304 -3.02 -33.05 -6.94
N VAL B 305 -3.12 -31.75 -7.25
CA VAL B 305 -2.36 -30.73 -6.57
C VAL B 305 -3.26 -30.10 -5.52
N ASN B 306 -2.95 -30.33 -4.24
CA ASN B 306 -3.70 -29.78 -3.11
C ASN B 306 -2.84 -28.79 -2.31
N LEU B 307 -3.17 -27.51 -2.44
CA LEU B 307 -2.47 -26.44 -1.77
C LEU B 307 -3.21 -25.97 -0.54
N ARG B 308 -4.31 -26.63 -0.19
CA ARG B 308 -5.09 -26.24 1.00
C ARG B 308 -4.34 -26.55 2.29
N PHE B 309 -4.61 -25.77 3.34
CA PHE B 309 -3.99 -25.99 4.66
C PHE B 309 -4.55 -27.23 5.34
N TYR B 310 -5.83 -27.46 5.11
CA TYR B 310 -6.57 -28.45 5.85
C TYR B 310 -7.56 -29.12 4.90
#